data_1I6I
#
_entry.id   1I6I
#
_cell.length_a   41.986
_cell.length_b   56.401
_cell.length_c   156.123
_cell.angle_alpha   90.00
_cell.angle_beta   90.00
_cell.angle_gamma   90.00
#
_symmetry.space_group_name_H-M   'P 21 21 21'
#
loop_
_entity.id
_entity.type
_entity.pdbx_description
1 polymer 'KINESIN-LIKE PROTEIN KIF1A'
2 non-polymer 'MAGNESIUM ION'
3 non-polymer 'PHOSPHOMETHYLPHOSPHONIC ACID ADENYLATE ESTER'
4 non-polymer 2-AMINO-2-HYDROXYMETHYL-PROPANE-1,3-DIOL
5 water water
#
_entity_poly.entity_id   1
_entity_poly.type   'polypeptide(L)'
_entity_poly.pdbx_seq_one_letter_code
;MAGASVKVAVRVRPFNSREMSRDSKCIIQMSGSTTTIVNPKQPKETPKSFSFDYSYWSHTSPEDINYASQKQVYRDIGEE
MLQHAFEGYNVCIFAYGQTGAGKSYTMMGKQEKDQQGIIPQLCEDLFSRINDTTNDNMSYSVEVSYMEIYCERVRDLLNP
KNKGNLRVREHPLLGPYVEDLSKLAVTSYNDIQDLMDSGNKARTVAATNMNETSSRSHAVFNIIFTQKRHDAETNITTEK
VSKISLVDLAGSERADSTGAKGTRLKEGANINKSLTTLGKVISALAEMDSGPNKNKKKKKTDFIPYRDSVLTWLLRENLG
GNSRTAMVAALSPADINYDETLSTLRYADRAKQIRNTVSVNHHHHH
;
_entity_poly.pdbx_strand_id   A
#
# COMPACT_ATOMS: atom_id res chain seq x y z
N GLY A 3 -4.14 -21.19 -2.20
CA GLY A 3 -3.68 -19.81 -2.33
C GLY A 3 -3.29 -19.21 -0.98
N ALA A 4 -2.51 -18.13 -1.08
CA ALA A 4 -1.97 -17.45 0.05
C ALA A 4 -3.02 -16.33 0.31
N SER A 5 -3.49 -16.26 1.52
CA SER A 5 -4.44 -15.24 1.92
C SER A 5 -3.85 -13.82 1.89
N VAL A 6 -4.68 -12.84 1.51
CA VAL A 6 -4.22 -11.44 1.53
C VAL A 6 -4.18 -11.09 3.02
N LYS A 7 -3.00 -10.69 3.51
CA LYS A 7 -2.85 -10.32 4.90
C LYS A 7 -3.38 -8.93 5.17
N VAL A 8 -4.03 -8.77 6.31
CA VAL A 8 -4.64 -7.50 6.66
C VAL A 8 -4.29 -6.96 8.04
N ALA A 9 -3.94 -5.68 8.07
CA ALA A 9 -3.61 -5.01 9.31
C ALA A 9 -4.45 -3.74 9.31
N VAL A 10 -4.86 -3.31 10.50
CA VAL A 10 -5.61 -2.08 10.63
C VAL A 10 -4.79 -1.28 11.63
N ARG A 11 -4.84 0.04 11.54
CA ARG A 11 -4.05 0.88 12.43
C ARG A 11 -4.79 2.16 12.78
N VAL A 12 -4.87 2.46 14.07
CA VAL A 12 -5.54 3.65 14.51
C VAL A 12 -4.50 4.70 14.94
N ARG A 13 -4.70 5.94 14.47
CA ARG A 13 -3.79 7.05 14.76
C ARG A 13 -4.29 7.91 15.92
N PRO A 14 -3.46 8.89 16.34
CA PRO A 14 -3.86 9.78 17.43
C PRO A 14 -4.91 10.74 16.88
N PHE A 15 -5.60 11.45 17.75
CA PHE A 15 -6.61 12.42 17.30
C PHE A 15 -5.91 13.47 16.42
N ASN A 16 -6.64 14.04 15.49
CA ASN A 16 -6.06 15.07 14.65
C ASN A 16 -6.68 16.41 15.06
N SER A 17 -6.28 17.49 14.42
CA SER A 17 -6.80 18.81 14.78
C SER A 17 -8.32 18.92 14.78
N ARG A 18 -8.94 18.41 13.73
N ARG A 18 -8.94 18.40 13.72
CA ARG A 18 -10.39 18.44 13.59
CA ARG A 18 -10.39 18.43 13.58
C ARG A 18 -11.08 17.77 14.78
C ARG A 18 -11.07 17.77 14.78
N GLU A 19 -10.74 16.51 15.02
CA GLU A 19 -11.32 15.76 16.12
C GLU A 19 -11.12 16.47 17.46
N MET A 20 -9.93 17.03 17.68
CA MET A 20 -9.66 17.74 18.93
C MET A 20 -10.54 18.97 19.06
N SER A 21 -10.76 19.69 17.97
CA SER A 21 -11.58 20.91 18.02
C SER A 21 -13.03 20.62 18.39
N ARG A 22 -13.43 19.37 18.20
N ARG A 22 -13.45 19.38 18.20
CA ARG A 22 -14.81 18.96 18.48
CA ARG A 22 -14.83 19.01 18.53
C ARG A 22 -14.94 18.12 19.74
C ARG A 22 -14.95 18.14 19.76
N ASP A 23 -13.85 18.02 20.49
CA ASP A 23 -13.85 17.25 21.71
C ASP A 23 -14.26 15.80 21.48
N SER A 24 -13.66 15.21 20.46
CA SER A 24 -13.95 13.82 20.12
C SER A 24 -13.40 12.84 21.15
N LYS A 25 -14.19 11.83 21.46
CA LYS A 25 -13.73 10.79 22.38
C LYS A 25 -13.31 9.63 21.50
N CYS A 26 -12.49 8.73 22.05
CA CYS A 26 -12.00 7.58 21.30
C CYS A 26 -13.03 6.44 21.35
N ILE A 27 -13.38 5.90 20.18
CA ILE A 27 -14.34 4.80 20.12
C ILE A 27 -13.69 3.51 19.62
N ILE A 28 -12.36 3.49 19.61
CA ILE A 28 -11.62 2.32 19.16
C ILE A 28 -10.77 1.73 20.27
N GLN A 29 -10.78 0.40 20.38
CA GLN A 29 -10.00 -0.33 21.36
C GLN A 29 -9.31 -1.50 20.69
N MET A 30 -8.12 -1.84 21.18
CA MET A 30 -7.39 -2.94 20.59
C MET A 30 -6.79 -3.83 21.66
N SER A 31 -6.69 -5.10 21.33
CA SER A 31 -6.13 -6.11 22.24
C SER A 31 -5.78 -7.29 21.36
N GLY A 32 -4.50 -7.67 21.37
CA GLY A 32 -4.07 -8.76 20.53
C GLY A 32 -4.25 -8.36 19.08
N SER A 33 -4.90 -9.21 18.30
CA SER A 33 -5.13 -8.91 16.89
C SER A 33 -6.56 -8.40 16.68
N THR A 34 -7.26 -8.19 17.78
CA THR A 34 -8.64 -7.73 17.74
C THR A 34 -8.84 -6.22 17.90
N THR A 35 -9.72 -5.66 17.08
CA THR A 35 -10.07 -4.26 17.14
C THR A 35 -11.56 -4.19 17.43
N THR A 36 -11.94 -3.38 18.40
CA THR A 36 -13.34 -3.21 18.77
C THR A 36 -13.75 -1.76 18.56
N ILE A 37 -14.95 -1.55 18.02
CA ILE A 37 -15.46 -0.22 17.78
C ILE A 37 -16.79 -0.01 18.48
N VAL A 38 -16.89 1.10 19.21
CA VAL A 38 -18.09 1.45 19.95
C VAL A 38 -18.93 2.45 19.16
N ASN A 39 -20.26 2.31 19.23
CA ASN A 39 -21.14 3.23 18.50
C ASN A 39 -21.49 4.37 19.45
N PRO A 40 -20.96 5.57 19.16
CA PRO A 40 -21.21 6.77 19.97
C PRO A 40 -22.67 7.22 20.02
N LYS A 41 -23.40 7.00 18.95
CA LYS A 41 -24.81 7.41 18.86
C LYS A 41 -25.75 6.43 19.56
N GLN A 42 -25.44 5.14 19.49
CA GLN A 42 -26.24 4.08 20.09
C GLN A 42 -25.33 3.33 21.07
N PRO A 43 -24.99 3.96 22.21
CA PRO A 43 -24.12 3.34 23.21
C PRO A 43 -24.72 2.09 23.86
N LYS A 44 -25.99 1.88 23.56
CA LYS A 44 -26.78 0.78 24.08
C LYS A 44 -26.53 -0.55 23.36
N GLU A 45 -25.81 -0.51 22.26
CA GLU A 45 -25.55 -1.75 21.56
C GLU A 45 -24.26 -2.33 22.08
N THR A 46 -23.99 -3.56 21.65
CA THR A 46 -22.77 -4.23 22.04
C THR A 46 -21.74 -3.78 20.99
N PRO A 47 -20.51 -3.44 21.42
CA PRO A 47 -19.49 -3.01 20.45
C PRO A 47 -19.11 -4.11 19.49
N LYS A 48 -18.86 -3.72 18.25
CA LYS A 48 -18.48 -4.66 17.21
C LYS A 48 -16.97 -4.93 17.21
N SER A 49 -16.60 -6.20 17.17
CA SER A 49 -15.20 -6.60 17.16
C SER A 49 -14.81 -7.26 15.85
N PHE A 50 -13.56 -7.05 15.47
CA PHE A 50 -13.01 -7.59 14.24
C PHE A 50 -11.60 -8.12 14.53
N SER A 51 -11.24 -9.24 13.92
CA SER A 51 -9.93 -9.83 14.15
C SER A 51 -9.12 -9.73 12.86
N PHE A 52 -7.84 -9.37 12.98
CA PHE A 52 -6.99 -9.22 11.79
C PHE A 52 -5.64 -9.84 12.01
N ASP A 53 -4.79 -9.79 10.98
CA ASP A 53 -3.44 -10.32 11.13
C ASP A 53 -2.71 -9.45 12.17
N TYR A 54 -3.02 -8.16 12.16
CA TYR A 54 -2.41 -7.20 13.10
C TYR A 54 -3.38 -6.09 13.40
N SER A 55 -3.49 -5.72 14.66
CA SER A 55 -4.31 -4.59 15.04
C SER A 55 -3.33 -3.63 15.73
N TYR A 56 -2.86 -2.64 14.96
CA TYR A 56 -1.89 -1.66 15.47
C TYR A 56 -2.45 -0.48 16.24
N TRP A 57 -2.09 -0.40 17.51
CA TRP A 57 -2.52 0.68 18.38
C TRP A 57 -1.48 1.82 18.30
N SER A 58 -1.78 2.86 17.54
CA SER A 58 -0.84 3.98 17.42
C SER A 58 -1.56 5.24 17.77
N HIS A 59 -2.43 5.15 18.76
CA HIS A 59 -3.26 6.26 19.14
C HIS A 59 -2.59 7.28 20.09
N THR A 60 -1.59 6.82 20.84
CA THR A 60 -0.84 7.60 21.81
C THR A 60 0.43 8.23 21.20
N SER A 61 1.61 7.92 21.74
CA SER A 61 2.86 8.43 21.13
C SER A 61 4.01 7.49 21.49
N PRO A 62 5.11 7.50 20.69
CA PRO A 62 6.24 6.61 20.93
C PRO A 62 6.72 6.45 22.37
N GLU A 63 6.40 7.38 23.25
CA GLU A 63 6.84 7.20 24.64
C GLU A 63 6.03 6.09 25.33
N ASP A 64 4.94 5.65 24.71
CA ASP A 64 4.08 4.58 25.24
C ASP A 64 4.73 3.25 24.90
N ILE A 65 4.75 2.31 25.82
CA ILE A 65 5.32 1.01 25.50
C ILE A 65 4.48 0.30 24.43
N ASN A 66 3.17 0.56 24.44
CA ASN A 66 2.23 -0.09 23.50
C ASN A 66 2.00 0.60 22.16
N TYR A 67 2.74 1.66 21.87
CA TYR A 67 2.58 2.37 20.61
C TYR A 67 3.17 1.59 19.46
N ALA A 68 2.41 1.47 18.36
CA ALA A 68 2.87 0.75 17.19
C ALA A 68 3.62 1.71 16.30
N SER A 69 4.94 1.56 16.25
CA SER A 69 5.80 2.46 15.47
C SER A 69 5.89 2.13 13.99
N GLN A 70 6.47 3.07 13.25
CA GLN A 70 6.68 2.91 11.82
C GLN A 70 7.55 1.69 11.63
N LYS A 71 8.52 1.53 12.53
CA LYS A 71 9.43 0.41 12.49
C LYS A 71 8.71 -0.95 12.69
N GLN A 72 7.71 -1.01 13.57
N GLN A 72 7.69 -1.01 13.56
CA GLN A 72 7.00 -2.29 13.74
CA GLN A 72 7.02 -2.30 13.72
C GLN A 72 6.13 -2.60 12.54
C GLN A 72 6.13 -2.59 12.54
N VAL A 73 5.44 -1.57 12.05
CA VAL A 73 4.58 -1.75 10.90
C VAL A 73 5.40 -2.25 9.73
N TYR A 74 6.60 -1.71 9.55
CA TYR A 74 7.42 -2.18 8.45
C TYR A 74 8.03 -3.55 8.70
N ARG A 75 8.50 -3.78 9.92
CA ARG A 75 9.14 -5.05 10.23
C ARG A 75 8.18 -6.24 10.18
N ASP A 76 6.89 -5.98 10.38
CA ASP A 76 5.94 -7.05 10.29
C ASP A 76 5.62 -7.37 8.83
N ILE A 77 4.85 -6.49 8.19
N ILE A 77 4.85 -6.49 8.19
CA ILE A 77 4.44 -6.69 6.81
CA ILE A 77 4.43 -6.68 6.81
C ILE A 77 5.39 -6.24 5.71
C ILE A 77 5.40 -6.24 5.70
N GLY A 78 6.04 -5.08 5.87
CA GLY A 78 6.95 -4.62 4.84
C GLY A 78 8.10 -5.58 4.61
N GLU A 79 8.73 -5.99 5.69
CA GLU A 79 9.87 -6.89 5.66
C GLU A 79 9.49 -8.25 5.04
N GLU A 80 8.29 -8.73 5.39
CA GLU A 80 7.78 -10.00 4.88
C GLU A 80 7.62 -9.96 3.36
N MET A 81 7.06 -8.87 2.86
CA MET A 81 6.87 -8.74 1.41
C MET A 81 8.19 -8.62 0.65
N LEU A 82 9.15 -7.89 1.23
CA LEU A 82 10.45 -7.73 0.57
C LEU A 82 11.14 -9.07 0.46
N GLN A 83 11.04 -9.88 1.51
N GLN A 83 11.04 -9.87 1.51
CA GLN A 83 11.67 -11.19 1.49
CA GLN A 83 11.65 -11.18 1.49
C GLN A 83 11.01 -12.04 0.40
C GLN A 83 11.01 -12.04 0.39
N HIS A 84 9.71 -11.87 0.18
CA HIS A 84 9.02 -12.62 -0.86
C HIS A 84 9.52 -12.15 -2.21
N ALA A 85 9.79 -10.85 -2.34
CA ALA A 85 10.31 -10.32 -3.60
C ALA A 85 11.63 -11.02 -3.90
N PHE A 86 12.45 -11.21 -2.88
CA PHE A 86 13.73 -11.88 -3.06
C PHE A 86 13.55 -13.34 -3.46
N GLU A 87 12.44 -13.95 -3.04
CA GLU A 87 12.17 -15.34 -3.40
C GLU A 87 11.70 -15.40 -4.84
N GLY A 88 11.37 -14.24 -5.41
CA GLY A 88 10.92 -14.20 -6.80
C GLY A 88 9.42 -13.99 -6.96
N TYR A 89 8.73 -13.67 -5.88
CA TYR A 89 7.28 -13.44 -5.95
C TYR A 89 6.92 -11.97 -6.15
N ASN A 90 5.83 -11.71 -6.88
CA ASN A 90 5.35 -10.34 -7.08
C ASN A 90 4.65 -10.02 -5.78
N VAL A 91 4.76 -8.77 -5.30
CA VAL A 91 4.14 -8.40 -4.05
C VAL A 91 3.42 -7.06 -4.11
N CYS A 92 2.47 -6.86 -3.20
CA CYS A 92 1.76 -5.61 -3.17
C CYS A 92 1.28 -5.24 -1.78
N ILE A 93 1.38 -3.95 -1.47
CA ILE A 93 0.90 -3.46 -0.20
C ILE A 93 0.13 -2.19 -0.49
N PHE A 94 -1.13 -2.12 -0.05
CA PHE A 94 -1.89 -0.92 -0.29
C PHE A 94 -2.50 -0.45 1.01
N ALA A 95 -2.57 0.88 1.15
CA ALA A 95 -3.10 1.53 2.33
C ALA A 95 -4.50 1.98 1.97
N TYR A 96 -5.44 1.68 2.84
CA TYR A 96 -6.84 2.00 2.58
C TYR A 96 -7.48 2.63 3.79
N GLY A 97 -8.41 3.54 3.56
CA GLY A 97 -9.07 4.18 4.68
C GLY A 97 -9.67 5.54 4.38
N GLN A 98 -10.47 6.03 5.33
CA GLN A 98 -11.12 7.32 5.20
C GLN A 98 -10.10 8.46 5.06
N THR A 99 -10.52 9.54 4.42
CA THR A 99 -9.68 10.70 4.24
C THR A 99 -9.15 11.11 5.62
N GLY A 100 -7.83 11.29 5.70
CA GLY A 100 -7.22 11.71 6.96
C GLY A 100 -6.99 10.65 8.02
N ALA A 101 -7.27 9.38 7.70
CA ALA A 101 -7.11 8.32 8.71
C ALA A 101 -5.65 7.93 8.93
N GLY A 102 -4.79 8.24 7.99
CA GLY A 102 -3.39 7.91 8.18
C GLY A 102 -2.75 7.04 7.13
N LYS A 103 -3.26 7.07 5.90
CA LYS A 103 -2.72 6.27 4.81
C LYS A 103 -1.32 6.70 4.34
N SER A 104 -1.15 7.98 4.07
CA SER A 104 0.14 8.48 3.59
C SER A 104 1.23 8.37 4.68
N TYR A 105 0.86 8.63 5.92
CA TYR A 105 1.81 8.51 7.02
C TYR A 105 2.35 7.07 7.09
N THR A 106 1.44 6.10 6.98
CA THR A 106 1.85 4.69 7.01
C THR A 106 2.71 4.29 5.84
N MET A 107 2.34 4.71 4.65
CA MET A 107 3.09 4.33 3.43
C MET A 107 4.34 5.20 3.17
N MET A 108 4.24 6.51 3.39
CA MET A 108 5.38 7.37 3.12
C MET A 108 5.98 7.88 4.43
N GLY A 109 5.12 8.34 5.34
CA GLY A 109 5.58 8.85 6.62
C GLY A 109 6.25 10.21 6.43
N LYS A 110 7.20 10.54 7.29
CA LYS A 110 7.87 11.83 7.13
C LYS A 110 9.37 11.58 7.07
N GLN A 111 10.14 12.59 6.70
CA GLN A 111 11.57 12.34 6.60
C GLN A 111 12.41 12.94 7.71
N GLU A 112 12.21 12.39 8.90
CA GLU A 112 12.91 12.78 10.09
C GLU A 112 12.72 11.70 11.10
N LYS A 113 13.36 11.91 12.27
CA LYS A 113 12.85 11.33 13.51
C LYS A 113 12.41 9.86 13.43
N ASP A 114 13.01 9.08 12.49
CA ASP A 114 12.57 7.69 12.24
C ASP A 114 11.03 7.59 12.12
N GLN A 115 10.53 8.56 11.32
CA GLN A 115 9.09 8.68 11.00
C GLN A 115 8.78 8.29 9.57
N GLN A 116 9.76 7.69 8.93
CA GLN A 116 9.64 7.24 7.55
C GLN A 116 8.73 6.00 7.48
N GLY A 117 7.85 5.97 6.50
CA GLY A 117 6.92 4.86 6.34
C GLY A 117 7.42 3.61 5.64
N ILE A 118 6.47 2.77 5.22
CA ILE A 118 6.78 1.51 4.55
C ILE A 118 7.62 1.63 3.29
N ILE A 119 7.27 2.54 2.40
CA ILE A 119 8.01 2.68 1.16
C ILE A 119 9.48 3.07 1.36
N PRO A 120 9.76 4.13 2.14
CA PRO A 120 11.18 4.48 2.35
C PRO A 120 11.96 3.35 3.03
N GLN A 121 11.36 2.74 4.06
CA GLN A 121 12.03 1.65 4.76
C GLN A 121 12.29 0.44 3.89
N LEU A 122 11.32 0.09 3.04
CA LEU A 122 11.50 -1.07 2.17
C LEU A 122 12.60 -0.79 1.15
N CYS A 123 12.61 0.40 0.58
CA CYS A 123 13.64 0.74 -0.41
C CYS A 123 15.02 0.67 0.22
N GLU A 124 15.16 1.24 1.40
CA GLU A 124 16.43 1.24 2.12
C GLU A 124 16.85 -0.19 2.42
N ASP A 125 15.93 -0.98 2.95
CA ASP A 125 16.18 -2.38 3.28
C ASP A 125 16.62 -3.15 2.03
N LEU A 126 15.97 -2.84 0.91
CA LEU A 126 16.28 -3.50 -0.37
C LEU A 126 17.71 -3.27 -0.82
N PHE A 127 18.14 -2.01 -0.80
CA PHE A 127 19.50 -1.70 -1.23
C PHE A 127 20.54 -2.19 -0.24
N SER A 128 20.18 -2.21 1.05
CA SER A 128 21.09 -2.71 2.08
C SER A 128 21.38 -4.19 1.84
N ARG A 129 20.32 -4.95 1.58
CA ARG A 129 20.47 -6.39 1.32
C ARG A 129 21.28 -6.64 0.06
N ILE A 130 21.05 -5.82 -0.96
CA ILE A 130 21.77 -5.97 -2.22
C ILE A 130 23.26 -5.68 -2.04
N ASN A 131 23.58 -4.62 -1.30
CA ASN A 131 24.97 -4.25 -1.08
C ASN A 131 25.69 -5.14 -0.08
N ASP A 132 24.93 -6.01 0.60
CA ASP A 132 25.49 -6.93 1.57
C ASP A 132 25.84 -8.25 0.91
N THR A 133 25.52 -8.36 -0.37
CA THR A 133 25.82 -9.55 -1.15
C THR A 133 27.32 -9.85 -1.15
N THR A 134 27.68 -11.12 -1.06
CA THR A 134 29.10 -11.50 -1.08
C THR A 134 29.37 -12.57 -2.14
N ASN A 135 28.30 -13.07 -2.75
CA ASN A 135 28.42 -14.07 -3.80
C ASN A 135 28.48 -13.37 -5.15
N ASP A 136 29.68 -13.26 -5.69
CA ASP A 136 29.89 -12.57 -6.96
C ASP A 136 29.14 -13.16 -8.14
N ASN A 137 28.48 -14.31 -7.95
CA ASN A 137 27.72 -14.92 -9.03
C ASN A 137 26.36 -14.25 -9.15
N MET A 138 26.04 -13.38 -8.19
CA MET A 138 24.78 -12.65 -8.18
C MET A 138 24.96 -11.17 -8.50
N SER A 139 24.11 -10.64 -9.39
CA SER A 139 24.14 -9.22 -9.74
C SER A 139 22.69 -8.77 -9.75
N TYR A 140 22.46 -7.49 -9.49
CA TYR A 140 21.09 -6.99 -9.42
C TYR A 140 20.79 -5.75 -10.24
N SER A 141 19.50 -5.55 -10.49
CA SER A 141 18.99 -4.42 -11.24
C SER A 141 17.69 -3.99 -10.57
N VAL A 142 17.56 -2.69 -10.35
CA VAL A 142 16.38 -2.12 -9.71
C VAL A 142 15.83 -0.98 -10.58
N GLU A 143 14.55 -1.08 -10.96
CA GLU A 143 13.92 -0.06 -11.77
C GLU A 143 12.71 0.45 -11.03
N VAL A 144 12.44 1.75 -11.13
CA VAL A 144 11.31 2.31 -10.43
C VAL A 144 10.38 3.12 -11.32
N SER A 145 9.11 3.17 -10.93
N SER A 145 9.11 3.17 -10.93
CA SER A 145 8.11 3.93 -11.66
CA SER A 145 8.09 3.92 -11.65
C SER A 145 7.18 4.45 -10.58
C SER A 145 7.18 4.45 -10.58
N TYR A 146 6.59 5.63 -10.80
CA TYR A 146 5.73 6.22 -9.81
C TYR A 146 4.62 6.96 -10.56
N MET A 147 3.38 6.61 -10.28
CA MET A 147 2.29 7.23 -11.00
C MET A 147 1.18 7.66 -10.06
N GLU A 148 0.34 8.55 -10.56
CA GLU A 148 -0.79 9.01 -9.78
C GLU A 148 -2.03 8.72 -10.60
N ILE A 149 -3.12 8.34 -9.92
CA ILE A 149 -4.37 8.09 -10.62
C ILE A 149 -5.38 9.04 -10.00
N TYR A 150 -5.86 9.98 -10.81
CA TYR A 150 -6.80 10.98 -10.34
C TYR A 150 -7.97 11.10 -11.33
N CYS A 151 -9.17 10.82 -10.85
CA CYS A 151 -10.35 10.88 -11.71
C CYS A 151 -10.09 10.02 -12.94
N GLU A 152 -9.58 8.82 -12.69
CA GLU A 152 -9.29 7.84 -13.74
C GLU A 152 -8.12 8.22 -14.65
N ARG A 153 -7.58 9.40 -14.46
CA ARG A 153 -6.46 9.85 -15.25
C ARG A 153 -5.12 9.47 -14.65
N VAL A 154 -4.21 8.92 -15.45
CA VAL A 154 -2.93 8.49 -14.94
C VAL A 154 -1.83 9.48 -15.28
N ARG A 155 -1.05 9.95 -14.30
CA ARG A 155 0.07 10.90 -14.58
C ARG A 155 1.41 10.30 -14.09
N ASP A 156 2.46 10.47 -14.90
CA ASP A 156 3.78 9.97 -14.55
C ASP A 156 4.44 10.97 -13.58
N LEU A 157 4.61 10.57 -12.32
CA LEU A 157 5.19 11.45 -11.31
C LEU A 157 6.71 11.60 -11.40
N LEU A 158 7.35 10.76 -12.22
CA LEU A 158 8.79 10.81 -12.41
C LEU A 158 9.09 11.60 -13.67
N ASN A 159 8.04 12.11 -14.31
CA ASN A 159 8.20 12.88 -15.55
C ASN A 159 7.02 13.86 -15.64
N PRO A 160 6.88 14.77 -14.65
CA PRO A 160 5.80 15.77 -14.63
C PRO A 160 6.02 16.76 -15.75
N LYS A 161 7.01 16.44 -16.57
CA LYS A 161 7.42 17.23 -17.71
C LYS A 161 6.65 16.84 -18.97
N ASN A 162 5.64 15.99 -18.81
CA ASN A 162 4.79 15.57 -19.92
C ASN A 162 3.34 15.52 -19.38
N LYS A 163 2.44 16.14 -20.14
CA LYS A 163 1.04 16.28 -19.75
C LYS A 163 0.09 15.24 -20.27
N GLY A 164 0.62 14.34 -21.08
CA GLY A 164 0.04 13.12 -21.50
C GLY A 164 -0.68 12.58 -20.31
N ASN A 165 -1.96 12.35 -20.48
CA ASN A 165 -2.59 11.44 -19.56
C ASN A 165 -2.43 10.06 -20.12
N LEU A 166 -1.43 9.38 -19.57
CA LEU A 166 -1.04 8.07 -20.04
C LEU A 166 -2.24 7.16 -20.07
N ARG A 167 -2.26 6.41 -21.15
CA ARG A 167 -3.31 5.45 -21.44
C ARG A 167 -2.95 4.10 -20.84
N VAL A 168 -3.92 3.55 -20.11
CA VAL A 168 -3.77 2.23 -19.52
C VAL A 168 -4.22 1.28 -20.62
N ARG A 169 -3.38 0.30 -20.92
CA ARG A 169 -3.70 -0.67 -21.97
C ARG A 169 -3.62 -2.11 -21.47
N GLU A 170 -4.06 -3.03 -22.33
CA GLU A 170 -4.05 -4.44 -22.02
C GLU A 170 -3.17 -5.05 -23.08
N HIS A 171 -2.01 -5.56 -22.68
CA HIS A 171 -1.12 -6.19 -23.64
C HIS A 171 -1.84 -7.46 -24.07
N PRO A 172 -1.80 -7.79 -25.37
CA PRO A 172 -2.49 -9.00 -25.82
C PRO A 172 -2.09 -10.30 -25.10
N LEU A 173 -0.87 -10.36 -24.59
CA LEU A 173 -0.39 -11.55 -23.90
C LEU A 173 0.08 -11.32 -22.47
N LEU A 174 0.68 -10.16 -22.21
CA LEU A 174 1.31 -9.92 -20.88
C LEU A 174 0.47 -9.08 -19.86
N GLY A 175 -0.80 -8.79 -20.12
CA GLY A 175 -1.57 -8.08 -19.13
C GLY A 175 -1.59 -6.58 -19.22
N PRO A 176 -2.19 -5.89 -18.23
CA PRO A 176 -2.28 -4.43 -18.21
C PRO A 176 -0.97 -3.70 -17.94
N TYR A 177 -0.83 -2.52 -18.55
CA TYR A 177 0.35 -1.68 -18.36
C TYR A 177 -0.01 -0.24 -18.68
N VAL A 178 0.79 0.70 -18.19
CA VAL A 178 0.57 2.12 -18.46
C VAL A 178 1.49 2.46 -19.60
N GLU A 179 0.91 2.86 -20.73
CA GLU A 179 1.71 3.18 -21.91
C GLU A 179 2.62 4.39 -21.71
N ASP A 180 3.89 4.20 -22.05
CA ASP A 180 4.91 5.23 -21.94
C ASP A 180 5.22 5.71 -20.53
N LEU A 181 4.82 4.96 -19.51
CA LEU A 181 5.13 5.35 -18.14
C LEU A 181 6.64 5.17 -17.99
N SER A 182 7.32 6.17 -17.46
CA SER A 182 8.78 6.06 -17.33
C SER A 182 9.18 5.00 -16.31
N LYS A 183 10.25 4.27 -16.63
CA LYS A 183 10.82 3.22 -15.84
C LYS A 183 12.28 3.52 -15.64
N LEU A 184 12.70 4.02 -14.48
CA LEU A 184 14.09 4.44 -14.26
C LEU A 184 14.99 3.51 -13.45
N ALA A 185 16.20 3.27 -13.95
CA ALA A 185 17.17 2.42 -13.26
C ALA A 185 17.77 3.23 -12.11
N VAL A 186 17.85 2.62 -10.94
CA VAL A 186 18.42 3.29 -9.77
C VAL A 186 19.41 2.33 -9.12
N THR A 187 20.58 2.84 -8.73
CA THR A 187 21.60 1.98 -8.13
C THR A 187 21.95 2.28 -6.69
N SER A 188 21.14 3.10 -6.02
CA SER A 188 21.39 3.41 -4.62
C SER A 188 20.10 3.86 -3.98
N TYR A 189 20.03 3.75 -2.65
CA TYR A 189 18.85 4.18 -1.94
C TYR A 189 18.69 5.69 -2.04
N ASN A 190 19.82 6.41 -1.98
CA ASN A 190 19.77 7.86 -2.06
C ASN A 190 19.09 8.29 -3.36
N ASP A 191 19.45 7.65 -4.46
CA ASP A 191 18.86 7.98 -5.74
C ASP A 191 17.37 7.67 -5.81
N ILE A 192 16.97 6.53 -5.27
CA ILE A 192 15.57 6.16 -5.30
C ILE A 192 14.79 7.12 -4.42
N GLN A 193 15.36 7.51 -3.30
CA GLN A 193 14.70 8.44 -2.41
C GLN A 193 14.49 9.79 -3.09
N ASP A 194 15.49 10.21 -3.86
CA ASP A 194 15.39 11.48 -4.58
C ASP A 194 14.23 11.47 -5.56
N LEU A 195 14.04 10.34 -6.24
CA LEU A 195 12.94 10.20 -7.19
C LEU A 195 11.61 10.21 -6.44
N MET A 196 11.60 9.57 -5.29
CA MET A 196 10.42 9.48 -4.45
C MET A 196 10.01 10.89 -4.03
N ASP A 197 10.99 11.66 -3.59
CA ASP A 197 10.77 13.03 -3.13
C ASP A 197 10.20 13.95 -4.21
N SER A 198 10.80 13.95 -5.39
CA SER A 198 10.32 14.80 -6.47
C SER A 198 8.94 14.31 -6.91
N GLY A 199 8.76 13.00 -6.84
CA GLY A 199 7.48 12.42 -7.21
C GLY A 199 6.39 12.91 -6.28
N ASN A 200 6.66 12.84 -4.98
CA ASN A 200 5.70 13.30 -3.98
C ASN A 200 5.39 14.77 -4.21
N LYS A 201 6.35 15.49 -4.81
CA LYS A 201 6.18 16.91 -5.08
C LYS A 201 5.30 17.17 -6.30
N ALA A 202 5.08 16.13 -7.10
CA ALA A 202 4.29 16.27 -8.32
C ALA A 202 2.82 15.84 -8.23
N ARG A 203 2.37 15.42 -7.06
CA ARG A 203 0.98 14.97 -6.92
C ARG A 203 -0.02 16.11 -6.92
N THR A 204 -1.22 15.82 -7.42
CA THR A 204 -2.31 16.78 -7.51
C THR A 204 -2.78 17.27 -6.14
N VAL A 205 -2.99 18.58 -6.03
CA VAL A 205 -3.46 19.17 -4.77
C VAL A 205 -4.88 19.70 -4.97
N ALA A 206 -5.59 19.94 -3.88
CA ALA A 206 -6.95 20.43 -3.96
C ALA A 206 -7.25 21.63 -3.06
N ALA A 207 -7.76 22.70 -3.66
CA ALA A 207 -8.12 23.91 -2.91
C ALA A 207 -9.00 23.46 -1.75
N THR A 208 -9.90 22.52 -2.06
CA THR A 208 -10.84 21.93 -1.12
C THR A 208 -10.18 21.26 0.09
N ASN A 209 -8.92 20.86 -0.08
CA ASN A 209 -8.18 20.21 0.99
C ASN A 209 -7.14 21.25 1.52
N MET A 210 -7.49 22.54 1.41
N MET A 210 -7.49 22.54 1.41
CA MET A 210 -6.61 23.61 1.82
CA MET A 210 -6.61 23.61 1.82
C MET A 210 -5.34 23.54 1.00
C MET A 210 -5.34 23.54 1.00
N ASN A 211 -5.54 23.27 -0.29
CA ASN A 211 -4.47 23.10 -1.25
C ASN A 211 -3.43 22.03 -0.92
N GLU A 212 -3.84 21.07 -0.09
CA GLU A 212 -2.96 19.95 0.27
C GLU A 212 -3.21 18.88 -0.80
N THR A 213 -2.36 17.86 -0.85
CA THR A 213 -2.54 16.79 -1.84
C THR A 213 -4.02 16.40 -1.85
N SER A 214 -4.58 16.29 -3.06
CA SER A 214 -6.00 15.94 -3.20
C SER A 214 -6.32 14.61 -2.51
N SER A 215 -7.39 14.61 -1.73
CA SER A 215 -7.81 13.41 -1.04
C SER A 215 -8.33 12.35 -2.01
N ARG A 216 -8.49 12.75 -3.27
CA ARG A 216 -9.03 11.85 -4.30
C ARG A 216 -8.05 11.24 -5.29
N SER A 217 -6.75 11.41 -5.08
CA SER A 217 -5.79 10.83 -6.01
C SER A 217 -5.14 9.57 -5.41
N HIS A 218 -4.83 8.62 -6.27
CA HIS A 218 -4.18 7.37 -5.85
C HIS A 218 -2.73 7.41 -6.32
N ALA A 219 -1.81 6.98 -5.47
CA ALA A 219 -0.39 6.97 -5.85
C ALA A 219 0.11 5.52 -5.87
N VAL A 220 0.68 5.11 -6.99
CA VAL A 220 1.19 3.77 -7.10
C VAL A 220 2.70 3.79 -7.34
N PHE A 221 3.44 3.23 -6.39
CA PHE A 221 4.90 3.18 -6.46
C PHE A 221 5.36 1.77 -6.81
N ASN A 222 5.96 1.60 -7.98
CA ASN A 222 6.41 0.30 -8.41
C ASN A 222 7.91 0.12 -8.53
N ILE A 223 8.38 -1.04 -8.08
CA ILE A 223 9.78 -1.38 -8.21
C ILE A 223 9.87 -2.68 -8.99
N ILE A 224 10.74 -2.73 -9.99
CA ILE A 224 10.95 -3.95 -10.75
C ILE A 224 12.32 -4.46 -10.30
N PHE A 225 12.33 -5.51 -9.48
CA PHE A 225 13.57 -6.08 -8.97
C PHE A 225 14.02 -7.31 -9.75
N THR A 226 15.13 -7.17 -10.47
CA THR A 226 15.67 -8.26 -11.26
C THR A 226 16.94 -8.84 -10.65
N GLN A 227 16.94 -10.16 -10.46
CA GLN A 227 18.07 -10.87 -9.89
C GLN A 227 18.69 -11.71 -10.99
N LYS A 228 19.99 -11.59 -11.17
CA LYS A 228 20.69 -12.33 -12.20
C LYS A 228 21.74 -13.21 -11.53
N ARG A 229 21.60 -14.52 -11.71
CA ARG A 229 22.50 -15.45 -11.08
C ARG A 229 23.38 -16.17 -12.08
N HIS A 230 24.65 -15.87 -12.05
CA HIS A 230 25.56 -16.49 -12.96
C HIS A 230 26.09 -17.78 -12.36
N ASP A 231 26.76 -18.53 -13.22
CA ASP A 231 27.55 -19.69 -12.84
C ASP A 231 28.41 -20.07 -14.03
N ALA A 232 29.72 -20.05 -13.80
CA ALA A 232 30.69 -20.45 -14.76
C ALA A 232 30.55 -21.94 -14.90
N GLU A 233 30.05 -22.36 -16.05
CA GLU A 233 29.66 -23.74 -16.27
C GLU A 233 29.16 -23.92 -17.72
N THR A 234 27.87 -23.67 -17.93
CA THR A 234 27.22 -23.73 -19.24
C THR A 234 27.19 -22.27 -19.73
N ASN A 235 27.31 -21.36 -18.76
CA ASN A 235 27.34 -19.91 -18.96
C ASN A 235 26.04 -19.17 -19.13
N ILE A 236 24.99 -19.80 -18.65
CA ILE A 236 23.71 -19.18 -18.74
C ILE A 236 23.41 -18.44 -17.45
N THR A 237 23.00 -17.19 -17.60
CA THR A 237 22.63 -16.46 -16.41
C THR A 237 21.12 -16.67 -16.30
N THR A 238 20.65 -16.97 -15.10
CA THR A 238 19.21 -17.14 -14.90
C THR A 238 18.67 -15.82 -14.37
N GLU A 239 17.40 -15.56 -14.64
CA GLU A 239 16.79 -14.32 -14.18
C GLU A 239 15.53 -14.55 -13.38
N LYS A 240 15.41 -13.80 -12.29
CA LYS A 240 14.24 -13.82 -11.43
C LYS A 240 13.78 -12.37 -11.35
N VAL A 241 12.55 -12.11 -11.77
CA VAL A 241 12.00 -10.76 -11.75
C VAL A 241 10.77 -10.65 -10.85
N SER A 242 10.84 -9.76 -9.86
N SER A 242 10.84 -9.76 -9.86
CA SER A 242 9.73 -9.55 -8.94
CA SER A 242 9.72 -9.55 -8.94
C SER A 242 9.24 -8.11 -9.06
C SER A 242 9.24 -8.11 -9.06
N LYS A 243 7.92 -7.93 -9.08
CA LYS A 243 7.34 -6.62 -9.17
C LYS A 243 6.80 -6.26 -7.80
N ILE A 244 7.23 -5.12 -7.26
CA ILE A 244 6.81 -4.68 -5.95
C ILE A 244 5.90 -3.47 -6.16
N SER A 245 4.66 -3.58 -5.71
N SER A 245 4.66 -3.58 -5.71
CA SER A 245 3.70 -2.50 -5.87
CA SER A 245 3.70 -2.50 -5.87
C SER A 245 3.26 -1.95 -4.52
C SER A 245 3.27 -1.95 -4.53
N LEU A 246 3.61 -0.69 -4.28
CA LEU A 246 3.28 -0.04 -3.03
C LEU A 246 2.27 1.05 -3.32
N VAL A 247 1.05 0.85 -2.81
CA VAL A 247 -0.08 1.72 -3.09
C VAL A 247 -0.64 2.56 -1.95
N ASP A 248 -0.84 3.84 -2.23
CA ASP A 248 -1.40 4.78 -1.26
C ASP A 248 -2.68 5.31 -1.89
N LEU A 249 -3.82 4.75 -1.48
CA LEU A 249 -5.14 5.09 -2.04
C LEU A 249 -5.77 6.40 -1.61
N ALA A 250 -6.72 6.85 -2.43
CA ALA A 250 -7.48 8.06 -2.13
C ALA A 250 -8.40 7.72 -0.99
N GLY A 251 -8.96 8.74 -0.34
CA GLY A 251 -9.85 8.53 0.78
C GLY A 251 -11.14 7.78 0.40
N SER A 252 -11.39 6.69 1.12
CA SER A 252 -12.55 5.84 0.88
C SER A 252 -13.86 6.53 1.16
N GLU A 253 -13.74 7.74 1.71
CA GLU A 253 -14.83 8.65 2.03
C GLU A 253 -14.33 9.70 3.02
N ALA A 269 -14.01 7.94 -16.51
CA ALA A 269 -13.74 9.35 -16.26
C ALA A 269 -14.64 9.92 -15.17
N ASN A 270 -14.51 9.50 -13.94
CA ASN A 270 -15.35 9.93 -12.86
C ASN A 270 -14.52 9.90 -11.61
N ILE A 271 -14.84 10.76 -10.65
CA ILE A 271 -14.01 10.94 -9.41
C ILE A 271 -13.83 9.69 -8.47
N ASN A 272 -14.88 8.97 -8.11
CA ASN A 272 -14.73 7.85 -7.18
C ASN A 272 -14.85 6.46 -7.77
N LYS A 273 -14.71 6.35 -9.09
CA LYS A 273 -14.84 5.06 -9.75
C LYS A 273 -13.87 3.99 -9.21
N SER A 274 -12.57 4.26 -9.27
CA SER A 274 -11.57 3.31 -8.79
C SER A 274 -11.82 2.80 -7.38
N LEU A 275 -12.16 3.70 -6.47
CA LEU A 275 -12.38 3.33 -5.08
C LEU A 275 -13.65 2.50 -4.89
N THR A 276 -14.72 2.89 -5.56
CA THR A 276 -15.97 2.14 -5.43
C THR A 276 -15.79 0.79 -6.12
N THR A 277 -15.10 0.78 -7.25
CA THR A 277 -14.86 -0.46 -7.97
C THR A 277 -13.96 -1.39 -7.16
N LEU A 278 -12.99 -0.82 -6.44
CA LEU A 278 -12.08 -1.62 -5.62
C LEU A 278 -12.91 -2.33 -4.56
N GLY A 279 -13.88 -1.61 -4.00
CA GLY A 279 -14.75 -2.19 -2.99
C GLY A 279 -15.50 -3.39 -3.55
N LYS A 280 -16.03 -3.24 -4.77
CA LYS A 280 -16.77 -4.30 -5.44
C LYS A 280 -15.89 -5.50 -5.74
N VAL A 281 -14.65 -5.25 -6.15
CA VAL A 281 -13.73 -6.33 -6.46
C VAL A 281 -13.39 -7.13 -5.22
N ILE A 282 -13.15 -6.42 -4.11
CA ILE A 282 -12.81 -7.06 -2.85
C ILE A 282 -14.00 -7.90 -2.37
N SER A 283 -15.18 -7.31 -2.43
CA SER A 283 -16.40 -7.99 -2.01
C SER A 283 -16.62 -9.25 -2.84
N ALA A 284 -16.49 -9.12 -4.15
CA ALA A 284 -16.68 -10.24 -5.08
C ALA A 284 -15.69 -11.36 -4.84
N LEU A 285 -14.43 -10.99 -4.61
CA LEU A 285 -13.38 -11.98 -4.37
C LEU A 285 -13.61 -12.71 -3.05
N ALA A 286 -13.99 -11.97 -2.01
CA ALA A 286 -14.22 -12.56 -0.71
C ALA A 286 -15.38 -13.54 -0.78
N GLU A 287 -16.35 -13.23 -1.64
CA GLU A 287 -17.54 -14.06 -1.85
C GLU A 287 -17.21 -15.34 -2.64
N MET A 288 -16.58 -15.16 -3.79
CA MET A 288 -16.19 -16.23 -4.71
C MET A 288 -15.35 -17.37 -4.11
N ASP A 289 -14.77 -17.10 -2.96
CA ASP A 289 -13.90 -18.04 -2.28
C ASP A 289 -14.38 -18.44 -0.89
N PHE A 303 -18.48 -13.03 -11.90
CA PHE A 303 -17.30 -12.36 -12.39
C PHE A 303 -16.95 -11.14 -11.55
N ILE A 304 -15.70 -10.77 -11.75
CA ILE A 304 -15.06 -9.68 -11.05
C ILE A 304 -14.79 -8.48 -11.96
N PRO A 305 -15.38 -7.33 -11.60
CA PRO A 305 -15.23 -6.10 -12.36
C PRO A 305 -13.86 -5.44 -12.31
N TYR A 306 -12.80 -6.13 -12.76
CA TYR A 306 -11.48 -5.52 -12.74
C TYR A 306 -11.42 -4.33 -13.69
N ARG A 307 -11.94 -4.52 -14.91
CA ARG A 307 -11.91 -3.49 -15.94
C ARG A 307 -12.77 -2.25 -15.76
N ASP A 308 -13.64 -2.25 -14.75
CA ASP A 308 -14.50 -1.11 -14.54
C ASP A 308 -13.79 0.14 -14.01
N SER A 309 -12.51 0.02 -13.66
CA SER A 309 -11.74 1.17 -13.20
C SER A 309 -10.26 0.95 -13.52
N VAL A 310 -9.53 2.05 -13.69
CA VAL A 310 -8.11 1.98 -14.01
C VAL A 310 -7.29 1.37 -12.88
N LEU A 311 -7.69 1.63 -11.65
CA LEU A 311 -6.97 1.10 -10.49
C LEU A 311 -7.09 -0.42 -10.42
N THR A 312 -8.33 -0.91 -10.38
CA THR A 312 -8.56 -2.35 -10.30
C THR A 312 -8.04 -3.08 -11.51
N TRP A 313 -7.95 -2.36 -12.63
CA TRP A 313 -7.45 -2.97 -13.86
C TRP A 313 -5.95 -3.21 -13.73
N LEU A 314 -5.21 -2.16 -13.37
CA LEU A 314 -3.76 -2.25 -13.21
C LEU A 314 -3.37 -3.19 -12.09
N LEU A 315 -4.18 -3.28 -11.04
CA LEU A 315 -3.90 -4.14 -9.90
C LEU A 315 -4.60 -5.51 -9.98
N ARG A 316 -5.10 -5.88 -11.16
CA ARG A 316 -5.80 -7.16 -11.30
C ARG A 316 -5.03 -8.34 -10.69
N GLU A 317 -3.77 -8.54 -11.09
CA GLU A 317 -3.03 -9.67 -10.53
C GLU A 317 -2.68 -9.60 -9.06
N ASN A 318 -2.78 -8.42 -8.45
CA ASN A 318 -2.49 -8.30 -7.02
C ASN A 318 -3.72 -8.60 -6.21
N LEU A 319 -4.89 -8.53 -6.85
CA LEU A 319 -6.14 -8.79 -6.16
C LEU A 319 -6.79 -10.09 -6.69
N GLY A 320 -6.22 -11.22 -6.30
CA GLY A 320 -6.75 -12.50 -6.74
C GLY A 320 -5.77 -13.24 -7.63
N GLY A 321 -4.82 -12.50 -8.21
CA GLY A 321 -3.85 -13.11 -9.08
C GLY A 321 -2.57 -13.63 -8.45
N ASN A 322 -1.55 -13.77 -9.30
CA ASN A 322 -0.23 -14.27 -8.93
C ASN A 322 0.57 -13.20 -8.17
N SER A 323 0.31 -13.10 -6.87
CA SER A 323 0.99 -12.10 -6.04
C SER A 323 0.69 -12.27 -4.56
N ARG A 324 1.64 -11.83 -3.72
CA ARG A 324 1.48 -11.89 -2.27
C ARG A 324 1.03 -10.47 -1.95
N THR A 325 -0.16 -10.33 -1.39
CA THR A 325 -0.71 -9.01 -1.11
C THR A 325 -1.08 -8.73 0.32
N ALA A 326 -1.00 -7.46 0.68
CA ALA A 326 -1.33 -7.04 2.03
C ALA A 326 -2.03 -5.70 2.03
N MET A 327 -2.99 -5.58 2.92
CA MET A 327 -3.77 -4.37 3.06
C MET A 327 -3.48 -3.78 4.42
N VAL A 328 -3.34 -2.46 4.49
CA VAL A 328 -3.18 -1.82 5.78
C VAL A 328 -4.30 -0.83 5.80
N ALA A 329 -5.26 -1.04 6.71
CA ALA A 329 -6.38 -0.14 6.79
C ALA A 329 -6.19 0.89 7.89
N ALA A 330 -6.20 2.16 7.51
CA ALA A 330 -6.05 3.25 8.45
C ALA A 330 -7.37 3.62 9.09
N LEU A 331 -7.36 3.79 10.40
CA LEU A 331 -8.55 4.15 11.15
C LEU A 331 -8.46 5.41 12.00
N SER A 332 -9.51 6.23 11.91
CA SER A 332 -9.61 7.41 12.76
C SER A 332 -10.11 6.84 14.08
N PRO A 333 -9.66 7.38 15.22
CA PRO A 333 -10.11 6.89 16.53
C PRO A 333 -11.36 7.61 17.02
N ALA A 334 -11.72 8.67 16.34
CA ALA A 334 -12.81 9.59 16.80
C ALA A 334 -14.26 9.08 16.59
N ASP A 335 -15.06 9.45 17.58
CA ASP A 335 -16.48 9.16 17.62
C ASP A 335 -17.20 9.73 16.39
N ILE A 336 -16.80 10.91 15.94
CA ILE A 336 -17.42 11.55 14.78
C ILE A 336 -17.25 10.79 13.46
N ASN A 337 -16.28 9.90 13.39
CA ASN A 337 -16.06 9.16 12.16
C ASN A 337 -16.52 7.70 12.23
N TYR A 338 -17.43 7.42 13.14
CA TYR A 338 -17.96 6.07 13.33
C TYR A 338 -18.36 5.32 12.05
N ASP A 339 -19.31 5.87 11.29
CA ASP A 339 -19.75 5.21 10.08
C ASP A 339 -18.64 4.88 9.11
N GLU A 340 -17.77 5.86 8.87
N GLU A 340 -17.76 5.85 8.87
CA GLU A 340 -16.65 5.66 7.94
CA GLU A 340 -16.67 5.63 7.94
C GLU A 340 -15.67 4.61 8.45
C GLU A 340 -15.67 4.60 8.46
N THR A 341 -15.39 4.64 9.75
CA THR A 341 -14.44 3.70 10.35
C THR A 341 -15.03 2.28 10.34
N LEU A 342 -16.33 2.17 10.62
CA LEU A 342 -16.99 0.85 10.59
C LEU A 342 -16.88 0.27 9.20
N SER A 343 -17.13 1.11 8.19
CA SER A 343 -17.06 0.67 6.81
C SER A 343 -15.65 0.18 6.44
N THR A 344 -14.63 0.89 6.93
CA THR A 344 -13.25 0.48 6.63
C THR A 344 -12.98 -0.87 7.28
N LEU A 345 -13.40 -1.02 8.53
CA LEU A 345 -13.19 -2.28 9.25
C LEU A 345 -13.88 -3.45 8.53
N ARG A 346 -15.09 -3.19 8.00
CA ARG A 346 -15.84 -4.22 7.28
C ARG A 346 -15.19 -4.56 5.97
N TYR A 347 -14.62 -3.57 5.27
CA TYR A 347 -13.97 -3.90 4.02
C TYR A 347 -12.66 -4.61 4.28
N ALA A 348 -12.03 -4.31 5.41
CA ALA A 348 -10.76 -4.96 5.73
C ALA A 348 -11.03 -6.41 6.14
N ASP A 349 -12.20 -6.62 6.75
CA ASP A 349 -12.60 -7.96 7.17
C ASP A 349 -12.84 -8.84 5.93
N ARG A 350 -13.41 -8.26 4.88
CA ARG A 350 -13.65 -8.99 3.63
C ARG A 350 -12.36 -9.32 2.89
N ALA A 351 -11.43 -8.36 2.84
CA ALA A 351 -10.16 -8.56 2.14
C ALA A 351 -9.39 -9.73 2.74
N LYS A 352 -9.53 -9.86 4.06
CA LYS A 352 -8.90 -10.91 4.84
C LYS A 352 -9.30 -12.28 4.26
N GLN A 353 -10.46 -12.34 3.61
CA GLN A 353 -11.00 -13.58 3.02
C GLN A 353 -10.52 -13.86 1.60
N ILE A 354 -9.84 -12.88 0.99
CA ILE A 354 -9.35 -13.07 -0.36
C ILE A 354 -8.14 -13.99 -0.35
N ARG A 355 -8.02 -14.85 -1.35
CA ARG A 355 -6.85 -15.73 -1.46
C ARG A 355 -6.35 -15.63 -2.89
N ASN A 356 -5.07 -15.30 -3.04
CA ASN A 356 -4.48 -15.17 -4.36
C ASN A 356 -3.93 -16.52 -4.81
N THR A 357 -3.72 -16.67 -6.10
CA THR A 357 -3.20 -17.92 -6.63
C THR A 357 -1.76 -17.78 -7.11
N VAL A 358 -0.82 -18.07 -6.21
CA VAL A 358 0.60 -17.93 -6.50
C VAL A 358 1.34 -19.26 -6.72
N HIS A 362 8.42 -25.39 -6.23
CA HIS A 362 8.53 -26.84 -6.11
C HIS A 362 9.97 -27.20 -6.45
N HIS A 363 10.81 -27.14 -5.43
CA HIS A 363 12.21 -27.41 -5.62
C HIS A 363 12.68 -28.76 -5.11
N HIS A 364 13.96 -29.04 -5.35
CA HIS A 364 14.53 -30.33 -4.96
C HIS A 364 15.27 -30.31 -3.63
N HIS A 365 15.22 -31.45 -2.95
CA HIS A 365 15.93 -31.65 -1.69
C HIS A 365 17.41 -31.61 -2.01
N HIS A 366 18.10 -30.74 -1.29
CA HIS A 366 19.53 -30.52 -1.44
C HIS A 366 20.35 -31.53 -0.63
#